data_2QZ6
#
_entry.id   2QZ6
#
_cell.length_a   43.600
_cell.length_b   69.700
_cell.length_c   53.900
_cell.angle_alpha   90.000
_cell.angle_beta   90.900
_cell.angle_gamma   90.000
#
_symmetry.space_group_name_H-M   'P 1 21 1'
#
loop_
_entity.id
_entity.type
_entity.pdbx_description
1 polymer Beta-lactamase
2 water water
#
_entity_poly.entity_id   1
_entity_poly.type   'polypeptide(L)'
_entity_poly.pdbx_seq_one_letter_code
;ATDIRQVVDSTVEPLMQQQDIAGLSVAVIQNGKAQYFNYGVANKDSKQPITENTLFEIGSVSKTFTATLAGYALANGKLK
LSDPASQYLPALRGDKFDHISLLNLGTYTAGGLPLQFPEESDNTGKMISYYQHWKPAFAPGTQRLYSNPSIGLFGHLAAQ
SLGQPFEKLMEQTVLPKLGLKHTFISVPETQMSLYAQGYDKAGKPVRVSPGALDAEAYGIKTSTSDLIHYVEVNMHPAKL
EKPLQQAIAATHTGYYTVDGMTQGLGWEMYPYPIKVDALVEGNSTQMAMEPHKVNWLTPPQAAPLDTLVNKTGSTGGFGA
YVAYVPSKGLGVVILANKNYPNAERVKAAHAILSAMDQ
;
_entity_poly.pdbx_strand_id   A
#
# COMPACT_ATOMS: atom_id res chain seq x y z
N ASP A 3 18.74 13.85 -19.58
CA ASP A 3 17.38 14.25 -19.24
C ASP A 3 16.96 13.63 -17.90
N ILE A 4 16.00 12.71 -17.99
CA ILE A 4 15.47 12.01 -16.83
C ILE A 4 16.53 11.13 -16.16
N ARG A 5 17.26 10.34 -16.92
CA ARG A 5 18.25 9.42 -16.36
C ARG A 5 19.26 10.18 -15.49
N GLN A 6 19.61 11.39 -15.91
CA GLN A 6 20.55 12.17 -15.09
C GLN A 6 19.88 12.74 -13.86
N VAL A 7 18.62 13.19 -13.92
CA VAL A 7 18.04 13.66 -12.66
C VAL A 7 17.79 12.46 -11.74
N VAL A 8 17.38 11.30 -12.24
CA VAL A 8 17.15 10.16 -11.35
C VAL A 8 18.47 9.73 -10.72
N ASP A 9 19.52 9.65 -11.53
CA ASP A 9 20.85 9.33 -11.02
C ASP A 9 21.30 10.31 -9.94
N SER A 10 21.06 11.60 -10.17
CA SER A 10 21.56 12.58 -9.20
C SER A 10 20.64 12.73 -8.00
N THR A 11 19.51 12.01 -7.95
CA THR A 11 18.74 12.06 -6.72
C THR A 11 18.94 10.75 -5.95
N VAL A 12 19.03 9.62 -6.64
CA VAL A 12 19.09 8.33 -5.96
C VAL A 12 20.49 7.96 -5.52
N GLU A 13 21.51 8.25 -6.33
CA GLU A 13 22.88 7.93 -5.89
C GLU A 13 23.23 8.64 -4.60
N PRO A 14 23.04 9.95 -4.47
CA PRO A 14 23.30 10.61 -3.18
C PRO A 14 22.42 10.06 -2.07
N LEU A 15 21.17 9.72 -2.38
CA LEU A 15 20.27 9.13 -1.41
C LEU A 15 20.83 7.82 -0.85
N MET A 16 21.19 6.95 -1.79
CA MET A 16 21.74 5.63 -1.49
C MET A 16 23.05 5.70 -0.74
N GLN A 17 23.89 6.69 -1.01
CA GLN A 17 25.11 6.92 -0.26
C GLN A 17 24.81 7.43 1.14
N GLN A 18 23.88 8.35 1.26
CA GLN A 18 23.50 8.97 2.52
C GLN A 18 22.89 7.98 3.51
N GLN A 19 22.06 7.09 2.97
CA GLN A 19 21.34 6.11 3.76
C GLN A 19 22.01 4.75 3.76
N ASP A 20 23.15 4.65 3.09
CA ASP A 20 23.86 3.38 2.95
C ASP A 20 22.94 2.24 2.54
N ILE A 21 22.26 2.43 1.42
CA ILE A 21 21.33 1.41 0.91
C ILE A 21 22.02 0.46 -0.05
N ALA A 22 21.84 -0.85 0.14
CA ALA A 22 22.51 -1.83 -0.73
C ALA A 22 22.02 -1.79 -2.16
N GLY A 23 20.71 -1.68 -2.33
CA GLY A 23 20.12 -1.74 -3.66
C GLY A 23 18.81 -0.96 -3.74
N LEU A 24 18.63 -0.32 -4.87
CA LEU A 24 17.51 0.53 -5.18
C LEU A 24 17.12 0.38 -6.65
N SER A 25 15.84 0.10 -6.88
CA SER A 25 15.33 0.16 -8.24
C SER A 25 14.32 1.30 -8.32
N VAL A 26 14.36 2.04 -9.43
CA VAL A 26 13.36 3.09 -9.58
C VAL A 26 12.61 2.87 -10.88
N ALA A 27 11.31 3.05 -10.87
CA ALA A 27 10.53 3.03 -12.11
C ALA A 27 9.71 4.32 -12.21
N VAL A 28 9.73 4.93 -13.38
CA VAL A 28 8.89 6.07 -13.69
C VAL A 28 8.00 5.69 -14.86
N ILE A 29 6.82 6.29 -14.94
CA ILE A 29 6.03 6.06 -16.16
C ILE A 29 5.50 7.42 -16.61
N GLN A 30 5.39 7.58 -17.91
CA GLN A 30 4.85 8.79 -18.53
C GLN A 30 4.17 8.37 -19.83
N ASN A 31 2.95 8.84 -20.08
CA ASN A 31 2.28 8.47 -21.33
C ASN A 31 2.20 6.97 -21.56
N GLY A 32 1.95 6.20 -20.51
CA GLY A 32 1.96 4.75 -20.60
C GLY A 32 3.33 4.15 -20.84
N LYS A 33 4.40 4.94 -20.84
CA LYS A 33 5.73 4.42 -21.18
C LYS A 33 6.67 4.35 -19.98
N ALA A 34 7.14 3.17 -19.61
CA ALA A 34 7.96 2.98 -18.42
C ALA A 34 9.47 3.10 -18.66
N GLN A 35 10.19 3.57 -17.65
CA GLN A 35 11.65 3.57 -17.67
C GLN A 35 12.19 3.14 -16.30
N TYR A 36 13.26 2.38 -16.30
CA TYR A 36 13.87 1.78 -15.13
C TYR A 36 15.29 2.22 -14.85
N PHE A 37 15.50 2.58 -13.59
CA PHE A 37 16.84 3.00 -13.15
C PHE A 37 17.21 2.16 -11.94
N ASN A 38 18.32 1.43 -12.07
CA ASN A 38 18.67 0.38 -11.14
C ASN A 38 20.04 0.61 -10.53
N TYR A 39 20.14 0.51 -9.20
CA TYR A 39 21.41 0.81 -8.55
C TYR A 39 21.78 -0.22 -7.48
N GLY A 40 23.07 -0.52 -7.36
CA GLY A 40 23.55 -1.39 -6.31
C GLY A 40 23.14 -2.83 -6.47
N VAL A 41 23.07 -3.53 -5.34
CA VAL A 41 22.93 -4.98 -5.29
C VAL A 41 21.76 -5.46 -4.45
N ALA A 42 21.25 -6.62 -4.87
CA ALA A 42 20.11 -7.25 -4.21
C ALA A 42 20.57 -8.04 -2.98
N ASN A 43 21.87 -8.31 -2.93
CA ASN A 43 22.52 -9.12 -1.93
C ASN A 43 23.97 -8.66 -1.72
N LYS A 44 24.34 -8.36 -0.48
CA LYS A 44 25.67 -7.82 -0.25
C LYS A 44 26.73 -8.91 -0.37
N ASP A 45 26.38 -10.19 -0.31
CA ASP A 45 27.38 -11.25 -0.40
C ASP A 45 27.59 -11.71 -1.83
N SER A 46 26.48 -11.92 -2.53
CA SER A 46 26.54 -12.39 -3.90
C SER A 46 26.81 -11.28 -4.91
N LYS A 47 26.53 -10.04 -4.54
CA LYS A 47 26.68 -8.87 -5.39
C LYS A 47 25.75 -8.98 -6.60
N GLN A 48 24.67 -9.72 -6.42
CA GLN A 48 23.63 -9.81 -7.45
C GLN A 48 23.09 -8.43 -7.76
N PRO A 49 23.06 -8.01 -9.01
CA PRO A 49 22.67 -6.63 -9.28
C PRO A 49 21.16 -6.43 -9.16
N ILE A 50 20.79 -5.17 -8.94
CA ILE A 50 19.37 -4.82 -8.86
C ILE A 50 18.84 -4.67 -10.28
N THR A 51 17.64 -5.16 -10.57
CA THR A 51 17.04 -4.93 -11.87
C THR A 51 15.57 -4.59 -11.65
N GLU A 52 14.85 -4.27 -12.74
CA GLU A 52 13.42 -4.01 -12.59
C GLU A 52 12.66 -5.31 -12.42
N ASN A 53 13.35 -6.46 -12.38
CA ASN A 53 12.67 -7.71 -12.07
C ASN A 53 13.02 -8.22 -10.68
N THR A 54 13.97 -7.57 -10.01
CA THR A 54 14.23 -7.85 -8.60
C THR A 54 12.94 -7.78 -7.79
N LEU A 55 12.72 -8.72 -6.88
CA LEU A 55 11.55 -8.69 -6.01
C LEU A 55 11.91 -8.08 -4.65
N PHE A 56 11.12 -7.13 -4.20
CA PHE A 56 11.23 -6.47 -2.93
C PHE A 56 9.96 -6.69 -2.10
N GLU A 57 10.12 -6.57 -0.79
CA GLU A 57 9.02 -6.42 0.14
C GLU A 57 8.54 -4.98 0.06
N ILE A 58 7.22 -4.81 0.04
CA ILE A 58 6.73 -3.44 -0.11
C ILE A 58 5.94 -2.98 1.10
N GLY A 59 5.83 -3.84 2.12
CA GLY A 59 5.13 -3.44 3.32
C GLY A 59 3.71 -2.95 3.08
N SER A 60 3.35 -1.82 3.66
CA SER A 60 2.01 -1.28 3.69
C SER A 60 1.49 -0.87 2.33
N VAL A 61 2.36 -0.88 1.32
CA VAL A 61 1.86 -0.72 -0.04
C VAL A 61 0.95 -1.91 -0.37
N SER A 62 1.13 -3.03 0.32
CA SER A 62 0.27 -4.21 0.21
C SER A 62 -1.19 -3.82 0.46
N LYS A 63 -1.35 -2.82 1.31
CA LYS A 63 -2.64 -2.28 1.72
C LYS A 63 -3.47 -1.75 0.57
N THR A 64 -2.82 -1.31 -0.51
CA THR A 64 -3.55 -0.82 -1.68
C THR A 64 -4.06 -2.01 -2.49
N PHE A 65 -3.32 -3.11 -2.44
CA PHE A 65 -3.71 -4.33 -3.14
C PHE A 65 -4.90 -4.98 -2.43
N THR A 66 -4.89 -4.93 -1.11
CA THR A 66 -5.99 -5.43 -0.28
C THR A 66 -7.29 -4.68 -0.55
N ALA A 67 -7.15 -3.37 -0.64
CA ALA A 67 -8.21 -2.40 -0.87
C ALA A 67 -8.77 -2.58 -2.28
N THR A 68 -7.89 -2.91 -3.24
CA THR A 68 -8.42 -3.18 -4.58
C THR A 68 -9.21 -4.50 -4.60
N LEU A 69 -8.77 -5.46 -3.81
CA LEU A 69 -9.47 -6.72 -3.64
C LEU A 69 -10.87 -6.46 -3.08
N ALA A 70 -10.94 -5.65 -2.02
CA ALA A 70 -12.24 -5.33 -1.43
C ALA A 70 -13.14 -4.60 -2.42
N GLY A 71 -12.53 -3.73 -3.23
CA GLY A 71 -13.28 -2.95 -4.21
C GLY A 71 -13.82 -3.86 -5.30
N TYR A 72 -13.10 -4.93 -5.59
CA TYR A 72 -13.53 -5.93 -6.57
C TYR A 72 -14.71 -6.73 -6.00
N ALA A 73 -14.69 -6.97 -4.70
CA ALA A 73 -15.82 -7.63 -4.04
C ALA A 73 -17.06 -6.74 -4.11
N LEU A 74 -16.86 -5.45 -3.84
CA LEU A 74 -17.99 -4.51 -3.95
C LEU A 74 -18.45 -4.37 -5.40
N ALA A 75 -17.54 -4.29 -6.37
CA ALA A 75 -18.02 -4.18 -7.75
C ALA A 75 -18.87 -5.38 -8.16
N ASN A 76 -18.64 -6.55 -7.56
CA ASN A 76 -19.33 -7.77 -7.91
C ASN A 76 -20.52 -8.10 -7.01
N GLY A 77 -21.00 -7.10 -6.29
CA GLY A 77 -22.16 -7.14 -5.44
C GLY A 77 -22.03 -8.02 -4.22
N LYS A 78 -20.81 -8.41 -3.84
CA LYS A 78 -20.64 -9.26 -2.68
C LYS A 78 -20.61 -8.49 -1.37
N LEU A 79 -20.71 -7.16 -1.42
CA LEU A 79 -20.48 -6.41 -0.18
C LEU A 79 -20.84 -4.94 -0.37
N LYS A 80 -21.17 -4.26 0.73
CA LYS A 80 -21.38 -2.82 0.70
C LYS A 80 -20.43 -2.20 1.70
N LEU A 81 -19.96 -0.98 1.45
CA LEU A 81 -18.95 -0.44 2.39
C LEU A 81 -19.59 -0.09 3.72
N SER A 82 -20.90 0.14 3.72
CA SER A 82 -21.59 0.45 4.97
C SER A 82 -21.93 -0.78 5.80
N ASP A 83 -21.61 -1.99 5.36
CA ASP A 83 -22.01 -3.18 6.10
C ASP A 83 -21.23 -3.34 7.40
N PRO A 84 -21.88 -3.84 8.44
CA PRO A 84 -21.19 -4.11 9.71
C PRO A 84 -20.24 -5.30 9.54
N ALA A 85 -19.08 -5.22 10.18
CA ALA A 85 -18.08 -6.27 10.06
C ALA A 85 -18.59 -7.61 10.56
N SER A 86 -19.38 -7.61 11.65
CA SER A 86 -19.89 -8.87 12.16
C SER A 86 -20.71 -9.62 11.11
N GLN A 87 -21.25 -8.92 10.12
CA GLN A 87 -22.02 -9.55 9.07
C GLN A 87 -21.20 -10.57 8.29
N TYR A 88 -19.87 -10.42 8.28
CA TYR A 88 -19.05 -11.28 7.44
C TYR A 88 -18.25 -12.29 8.24
N LEU A 89 -18.36 -12.20 9.56
CA LEU A 89 -17.71 -13.14 10.46
C LEU A 89 -18.58 -13.37 11.69
N PRO A 90 -19.16 -14.57 11.73
CA PRO A 90 -20.08 -14.94 12.81
C PRO A 90 -19.43 -14.78 14.18
N ALA A 91 -18.18 -15.20 14.28
CA ALA A 91 -17.44 -15.16 15.54
C ALA A 91 -17.30 -13.76 16.13
N LEU A 92 -17.55 -12.74 15.32
CA LEU A 92 -17.45 -11.34 15.77
C LEU A 92 -18.82 -10.75 16.07
N ARG A 93 -19.85 -11.58 15.92
CA ARG A 93 -21.21 -11.12 16.20
C ARG A 93 -21.44 -11.03 17.70
N GLY A 94 -22.27 -10.09 18.17
CA GLY A 94 -22.47 -10.02 19.62
C GLY A 94 -22.58 -8.60 20.12
N ASP A 95 -21.84 -7.69 19.48
CA ASP A 95 -21.94 -6.27 19.81
C ASP A 95 -21.01 -5.45 18.92
N LYS A 96 -19.90 -5.01 19.47
CA LYS A 96 -18.79 -4.28 18.88
C LYS A 96 -18.85 -4.21 17.36
N PHE A 97 -18.43 -5.29 16.70
CA PHE A 97 -18.36 -5.38 15.26
C PHE A 97 -19.72 -5.39 14.57
N ASP A 98 -20.79 -5.26 15.34
CA ASP A 98 -22.12 -5.10 14.76
C ASP A 98 -22.32 -3.63 14.37
N HIS A 99 -21.49 -2.74 14.93
CA HIS A 99 -21.67 -1.31 14.68
C HIS A 99 -20.39 -0.64 14.23
N ILE A 100 -19.48 -1.48 13.74
CA ILE A 100 -18.23 -1.07 13.10
C ILE A 100 -18.37 -1.47 11.64
N SER A 101 -18.14 -0.55 10.70
CA SER A 101 -18.39 -0.93 9.31
C SER A 101 -17.11 -1.45 8.65
N LEU A 102 -17.28 -2.06 7.49
CA LEU A 102 -16.15 -2.45 6.68
C LEU A 102 -15.32 -1.22 6.27
N LEU A 103 -16.01 -0.16 5.91
CA LEU A 103 -15.47 1.15 5.61
C LEU A 103 -14.58 1.65 6.76
N ASN A 104 -15.09 1.51 7.97
CA ASN A 104 -14.40 1.84 9.22
C ASN A 104 -13.07 1.08 9.35
N LEU A 105 -13.17 -0.22 9.12
CA LEU A 105 -12.00 -1.09 9.16
C LEU A 105 -10.97 -0.71 8.12
N GLY A 106 -11.42 -0.46 6.88
CA GLY A 106 -10.50 -0.14 5.80
C GLY A 106 -9.87 1.24 5.86
N THR A 107 -10.48 2.22 6.50
CA THR A 107 -9.96 3.57 6.62
C THR A 107 -9.40 3.80 8.03
N TYR A 108 -9.15 2.71 8.74
CA TYR A 108 -8.60 2.81 10.09
C TYR A 108 -9.49 3.62 11.01
N THR A 109 -10.82 3.63 10.83
CA THR A 109 -11.58 4.42 11.81
C THR A 109 -12.50 3.57 12.66
N ALA A 110 -12.07 2.36 12.98
CA ALA A 110 -12.90 1.40 13.70
C ALA A 110 -12.96 1.71 15.19
N GLY A 111 -12.15 2.64 15.68
CA GLY A 111 -12.22 3.06 17.07
C GLY A 111 -11.04 2.70 17.92
N GLY A 112 -9.81 2.79 17.42
CA GLY A 112 -8.68 2.57 18.31
C GLY A 112 -7.97 1.25 18.18
N LEU A 113 -8.23 0.49 17.12
CA LEU A 113 -7.41 -0.71 16.89
C LEU A 113 -5.95 -0.23 16.78
N PRO A 114 -5.03 -1.01 17.32
CA PRO A 114 -3.63 -0.55 17.47
C PRO A 114 -2.82 -0.75 16.21
N LEU A 115 -1.63 -0.15 16.17
CA LEU A 115 -0.80 -0.26 14.97
C LEU A 115 -0.46 -1.69 14.62
N GLN A 116 -0.26 -2.57 15.61
CA GLN A 116 0.08 -3.95 15.33
C GLN A 116 -0.50 -4.89 16.39
N PHE A 117 -0.64 -6.15 16.00
CA PHE A 117 -1.11 -7.21 16.88
C PHE A 117 -0.21 -7.34 18.10
N PRO A 118 -0.80 -7.35 19.29
CA PRO A 118 -0.06 -7.53 20.54
C PRO A 118 0.77 -8.81 20.53
N THR A 124 -4.53 -16.87 13.13
CA THR A 124 -5.85 -17.46 12.89
C THR A 124 -6.87 -16.99 13.92
N GLY A 125 -7.68 -17.91 14.42
CA GLY A 125 -8.68 -17.59 15.42
C GLY A 125 -8.08 -16.98 16.68
N LYS A 126 -6.79 -17.15 16.90
CA LYS A 126 -6.15 -16.53 18.06
C LYS A 126 -5.98 -15.03 17.80
N MET A 127 -6.01 -14.68 16.52
CA MET A 127 -6.10 -13.30 16.07
C MET A 127 -7.56 -12.87 16.12
N ILE A 128 -8.45 -13.81 15.78
CA ILE A 128 -9.88 -13.56 16.02
C ILE A 128 -10.07 -13.22 17.49
N SER A 129 -9.62 -14.11 18.35
CA SER A 129 -9.71 -13.92 19.80
C SER A 129 -9.16 -12.55 20.18
N TYR A 130 -8.13 -12.08 19.49
CA TYR A 130 -7.62 -10.74 19.76
C TYR A 130 -8.72 -9.69 19.62
N TYR A 131 -9.45 -9.78 18.52
CA TYR A 131 -10.55 -8.91 18.17
C TYR A 131 -11.71 -9.01 19.16
N GLN A 132 -12.04 -10.23 19.56
CA GLN A 132 -13.13 -10.42 20.52
C GLN A 132 -12.79 -9.80 21.87
N HIS A 133 -11.54 -9.87 22.29
CA HIS A 133 -11.15 -9.29 23.57
C HIS A 133 -10.81 -7.80 23.45
N TRP A 134 -10.79 -7.26 22.24
CA TRP A 134 -10.36 -5.87 22.05
C TRP A 134 -11.43 -4.89 22.50
N LYS A 135 -10.98 -3.88 23.23
CA LYS A 135 -11.82 -2.83 23.77
C LYS A 135 -11.57 -1.52 23.02
N PRO A 136 -12.53 -1.07 22.23
CA PRO A 136 -12.38 0.19 21.50
C PRO A 136 -12.07 1.36 22.42
N ALA A 137 -11.19 2.22 21.94
CA ALA A 137 -10.89 3.45 22.65
C ALA A 137 -11.87 4.56 22.29
N PHE A 138 -12.43 4.52 21.07
CA PHE A 138 -13.29 5.60 20.62
C PHE A 138 -14.40 5.08 19.71
N ALA A 139 -15.42 5.92 19.58
CA ALA A 139 -16.57 5.61 18.73
C ALA A 139 -16.09 5.37 17.30
N PRO A 140 -16.76 4.47 16.61
CA PRO A 140 -16.35 4.18 15.24
C PRO A 140 -16.49 5.47 14.43
N GLY A 141 -15.63 5.64 13.43
CA GLY A 141 -15.69 6.75 12.52
C GLY A 141 -15.25 8.08 13.03
N THR A 142 -14.68 8.14 14.23
CA THR A 142 -14.36 9.46 14.81
C THR A 142 -12.90 9.82 14.67
N GLN A 143 -12.02 8.82 14.80
CA GLN A 143 -10.60 9.10 14.71
C GLN A 143 -9.89 8.10 13.81
N ARG A 144 -8.92 8.60 13.05
CA ARG A 144 -8.06 7.73 12.27
C ARG A 144 -6.90 7.27 13.16
N LEU A 145 -6.69 5.98 13.27
CA LEU A 145 -5.53 5.38 13.92
C LEU A 145 -4.98 4.30 12.99
N TYR A 146 -3.86 4.64 12.37
CA TYR A 146 -3.18 3.70 11.50
C TYR A 146 -2.99 2.37 12.24
N SER A 147 -3.50 1.30 11.63
CA SER A 147 -3.51 0.00 12.30
C SER A 147 -3.47 -1.15 11.31
N ASN A 148 -2.49 -2.04 11.44
CA ASN A 148 -2.46 -3.26 10.64
C ASN A 148 -3.63 -4.19 10.93
N PRO A 149 -4.03 -4.46 12.16
CA PRO A 149 -5.19 -5.35 12.37
C PRO A 149 -6.49 -4.84 11.76
N SER A 150 -6.67 -3.53 11.67
CA SER A 150 -7.85 -2.95 11.06
C SER A 150 -7.95 -3.24 9.56
N ILE A 151 -6.87 -3.01 8.82
CA ILE A 151 -6.96 -3.28 7.38
C ILE A 151 -6.81 -4.78 7.15
N GLY A 152 -6.15 -5.43 8.10
CA GLY A 152 -6.06 -6.89 8.10
C GLY A 152 -7.45 -7.51 8.10
N LEU A 153 -8.33 -7.08 9.02
CA LEU A 153 -9.67 -7.64 9.08
C LEU A 153 -10.50 -7.19 7.89
N PHE A 154 -10.29 -5.96 7.42
CA PHE A 154 -10.96 -5.49 6.21
C PHE A 154 -10.76 -6.47 5.05
N GLY A 155 -9.52 -6.89 4.83
CA GLY A 155 -9.21 -7.77 3.71
C GLY A 155 -9.81 -9.15 3.91
N HIS A 156 -9.67 -9.68 5.12
CA HIS A 156 -10.19 -10.99 5.49
C HIS A 156 -11.67 -11.11 5.15
N LEU A 157 -12.42 -10.12 5.60
CA LEU A 157 -13.87 -10.02 5.49
C LEU A 157 -14.27 -9.84 4.04
N ALA A 158 -13.50 -9.01 3.32
CA ALA A 158 -13.73 -8.88 1.89
C ALA A 158 -13.48 -10.21 1.21
N ALA A 159 -12.49 -10.96 1.70
CA ALA A 159 -12.28 -12.28 1.08
C ALA A 159 -13.42 -13.22 1.44
N GLN A 160 -13.85 -13.17 2.69
CA GLN A 160 -15.00 -13.94 3.17
C GLN A 160 -16.18 -13.72 2.24
N SER A 161 -16.54 -12.46 2.07
CA SER A 161 -17.49 -12.10 1.03
C SER A 161 -16.80 -12.30 -0.33
N LEU A 162 -17.08 -13.42 -0.94
CA LEU A 162 -16.59 -13.97 -2.19
C LEU A 162 -16.26 -15.46 -1.99
N GLY A 163 -16.54 -15.97 -0.80
CA GLY A 163 -16.47 -17.36 -0.43
C GLY A 163 -15.17 -18.07 -0.76
N GLN A 164 -14.07 -17.37 -0.63
CA GLN A 164 -12.72 -17.86 -0.86
C GLN A 164 -11.71 -17.13 0.02
N PRO A 165 -10.60 -17.80 0.29
CA PRO A 165 -9.60 -17.23 1.21
C PRO A 165 -8.86 -16.07 0.55
N PHE A 166 -8.33 -15.18 1.37
CA PHE A 166 -7.66 -13.97 0.89
C PHE A 166 -6.64 -14.32 -0.20
N GLU A 167 -5.68 -15.16 0.15
CA GLU A 167 -4.59 -15.53 -0.74
C GLU A 167 -5.09 -16.07 -2.07
N LYS A 168 -6.22 -16.78 -2.07
CA LYS A 168 -6.66 -17.37 -3.33
C LYS A 168 -7.17 -16.31 -4.29
N LEU A 169 -8.04 -15.46 -3.77
CA LEU A 169 -8.62 -14.30 -4.41
C LEU A 169 -7.55 -13.41 -5.02
N MET A 170 -6.59 -13.03 -4.17
CA MET A 170 -5.54 -12.12 -4.62
C MET A 170 -4.77 -12.72 -5.79
N GLU A 171 -4.20 -13.90 -5.58
CA GLU A 171 -3.29 -14.51 -6.56
C GLU A 171 -4.00 -15.18 -7.72
N GLN A 172 -5.20 -15.71 -7.53
CA GLN A 172 -5.82 -16.40 -8.66
C GLN A 172 -6.83 -15.51 -9.41
N THR A 173 -7.22 -14.42 -8.77
CA THR A 173 -8.22 -13.53 -9.36
C THR A 173 -7.69 -12.13 -9.58
N VAL A 174 -7.43 -11.40 -8.49
CA VAL A 174 -7.17 -9.97 -8.56
C VAL A 174 -5.88 -9.62 -9.28
N LEU A 175 -4.76 -10.28 -8.99
CA LEU A 175 -3.49 -9.95 -9.61
C LEU A 175 -3.39 -10.34 -11.07
N PRO A 176 -3.78 -11.55 -11.48
CA PRO A 176 -3.75 -11.86 -12.92
C PRO A 176 -4.58 -10.89 -13.74
N LYS A 177 -5.72 -10.47 -13.19
CA LYS A 177 -6.61 -9.53 -13.87
C LYS A 177 -6.03 -8.11 -13.91
N LEU A 178 -4.96 -7.85 -13.16
CA LEU A 178 -4.26 -6.57 -13.23
C LEU A 178 -3.04 -6.72 -14.10
N GLY A 179 -2.85 -7.94 -14.62
CA GLY A 179 -1.67 -8.13 -15.46
C GLY A 179 -0.40 -8.29 -14.64
N LEU A 180 -0.52 -8.68 -13.37
CA LEU A 180 0.71 -8.78 -12.60
C LEU A 180 1.07 -10.24 -12.36
N LYS A 181 2.17 -10.66 -13.00
CA LYS A 181 2.63 -12.04 -12.88
C LYS A 181 3.89 -12.12 -12.01
N HIS A 182 4.37 -10.97 -11.54
CA HIS A 182 5.56 -10.97 -10.70
C HIS A 182 5.32 -10.28 -9.37
N THR A 183 4.12 -10.46 -8.86
CA THR A 183 3.66 -9.92 -7.59
C THR A 183 3.19 -11.06 -6.71
N PHE A 184 3.77 -11.23 -5.50
CA PHE A 184 3.41 -12.41 -4.73
C PHE A 184 3.14 -12.11 -3.26
N ILE A 185 2.29 -12.98 -2.73
CA ILE A 185 2.11 -13.16 -1.30
C ILE A 185 3.22 -14.12 -0.83
N SER A 186 3.24 -15.27 -1.51
CA SER A 186 4.29 -16.25 -1.33
C SER A 186 5.17 -16.29 -2.59
N VAL A 187 6.44 -15.99 -2.43
CA VAL A 187 7.39 -16.06 -3.53
C VAL A 187 7.61 -17.51 -3.93
N PRO A 188 7.20 -17.88 -5.14
CA PRO A 188 7.40 -19.25 -5.62
C PRO A 188 8.88 -19.63 -5.76
N GLU A 189 9.15 -20.92 -5.73
CA GLU A 189 10.49 -21.48 -5.73
C GLU A 189 11.33 -21.04 -6.92
N THR A 190 10.73 -20.93 -8.10
CA THR A 190 11.44 -20.55 -9.31
C THR A 190 11.83 -19.07 -9.30
N GLN A 191 11.21 -18.27 -8.44
CA GLN A 191 11.47 -16.84 -8.42
C GLN A 191 12.31 -16.43 -7.22
N MET A 192 12.55 -17.38 -6.34
CA MET A 192 13.33 -17.23 -5.12
C MET A 192 14.63 -16.48 -5.32
N SER A 193 15.37 -16.79 -6.37
CA SER A 193 16.67 -16.14 -6.55
C SER A 193 16.52 -14.66 -6.87
N LEU A 194 15.31 -14.24 -7.21
CA LEU A 194 15.05 -12.85 -7.59
C LEU A 194 14.72 -12.03 -6.35
N TYR A 195 14.37 -12.70 -5.25
CA TYR A 195 13.94 -12.10 -3.99
C TYR A 195 15.16 -11.46 -3.31
N ALA A 196 15.11 -10.14 -3.22
CA ALA A 196 16.24 -9.41 -2.65
C ALA A 196 16.42 -9.77 -1.18
N GLN A 197 17.65 -9.69 -0.70
CA GLN A 197 17.94 -9.78 0.73
C GLN A 197 17.67 -8.41 1.37
N GLY A 198 16.92 -8.41 2.46
CA GLY A 198 16.68 -7.17 3.17
C GLY A 198 17.71 -6.94 4.25
N TYR A 199 18.05 -5.68 4.51
CA TYR A 199 19.01 -5.34 5.55
C TYR A 199 18.44 -4.33 6.53
N ASP A 200 18.72 -4.54 7.82
CA ASP A 200 18.12 -3.70 8.86
C ASP A 200 18.93 -2.41 9.02
N LYS A 201 18.55 -1.58 9.98
CA LYS A 201 19.22 -0.31 10.22
C LYS A 201 20.73 -0.44 10.39
N ALA A 202 21.19 -1.61 10.81
CA ALA A 202 22.60 -1.86 11.08
C ALA A 202 23.30 -2.58 9.94
N GLY A 203 22.62 -2.85 8.84
CA GLY A 203 23.25 -3.57 7.74
C GLY A 203 23.16 -5.08 7.89
N LYS A 204 22.31 -5.59 8.78
CA LYS A 204 22.18 -7.03 8.94
C LYS A 204 21.06 -7.61 8.10
N PRO A 205 21.25 -8.79 7.52
CA PRO A 205 20.24 -9.35 6.63
C PRO A 205 18.96 -9.72 7.37
N VAL A 206 17.81 -9.56 6.74
CA VAL A 206 16.53 -9.93 7.34
C VAL A 206 15.38 -9.92 6.33
N ARG A 207 14.52 -10.92 6.41
CA ARG A 207 13.28 -11.02 5.65
C ARG A 207 12.08 -10.93 6.59
N VAL A 208 10.97 -10.39 6.09
CA VAL A 208 9.79 -10.22 6.94
C VAL A 208 9.34 -11.57 7.53
N SER A 209 8.91 -11.50 8.78
CA SER A 209 8.46 -12.65 9.54
C SER A 209 6.94 -12.79 9.50
N PRO A 210 6.50 -14.00 9.15
CA PRO A 210 5.07 -14.30 9.07
C PRO A 210 4.31 -13.80 10.29
N GLY A 211 3.00 -13.62 10.11
CA GLY A 211 2.11 -13.12 11.13
C GLY A 211 0.66 -13.21 10.70
N ALA A 212 -0.27 -13.08 11.63
CA ALA A 212 -1.68 -13.14 11.22
C ALA A 212 -2.00 -11.99 10.26
N LEU A 213 -2.78 -12.30 9.24
CA LEU A 213 -3.26 -11.33 8.27
C LEU A 213 -2.13 -10.41 7.79
N ASP A 214 -0.95 -11.01 7.63
CA ASP A 214 0.20 -10.26 7.13
C ASP A 214 -0.01 -9.97 5.64
N ALA A 215 -0.46 -11.00 4.93
CA ALA A 215 -0.79 -10.96 3.52
C ALA A 215 -1.63 -9.74 3.15
N GLU A 216 -2.55 -9.37 4.04
CA GLU A 216 -3.43 -8.23 3.88
C GLU A 216 -2.74 -6.91 4.22
N ALA A 217 -1.85 -6.94 5.21
CA ALA A 217 -1.32 -5.66 5.69
C ALA A 217 0.04 -5.33 5.13
N TYR A 218 0.95 -6.30 5.06
CA TYR A 218 2.29 -5.90 4.65
C TYR A 218 3.00 -7.02 3.92
N GLY A 219 2.26 -7.99 3.41
CA GLY A 219 2.83 -9.20 2.87
C GLY A 219 3.07 -9.34 1.40
N ILE A 220 2.95 -8.28 0.60
CA ILE A 220 3.20 -8.42 -0.83
C ILE A 220 4.68 -8.20 -1.18
N LYS A 221 5.22 -8.98 -2.13
CA LYS A 221 6.50 -8.57 -2.72
C LYS A 221 6.34 -8.52 -4.25
N THR A 222 7.07 -7.58 -4.83
CA THR A 222 6.93 -7.34 -6.27
C THR A 222 8.19 -6.62 -6.77
N SER A 223 8.35 -6.43 -8.06
CA SER A 223 9.45 -5.70 -8.70
C SER A 223 9.02 -4.32 -9.17
N THR A 224 9.92 -3.46 -9.62
CA THR A 224 9.42 -2.14 -10.05
C THR A 224 8.64 -2.25 -11.36
N SER A 225 8.95 -3.27 -12.14
CA SER A 225 8.28 -3.46 -13.43
C SER A 225 6.80 -3.76 -13.23
N ASP A 226 6.49 -4.70 -12.34
CA ASP A 226 5.10 -5.01 -12.03
C ASP A 226 4.41 -3.91 -11.23
N LEU A 227 5.14 -3.25 -10.33
CA LEU A 227 4.51 -2.21 -9.51
C LEU A 227 4.29 -0.94 -10.31
N ILE A 228 5.18 -0.59 -11.24
CA ILE A 228 4.85 0.60 -12.05
C ILE A 228 3.70 0.30 -13.00
N HIS A 229 3.54 -0.95 -13.44
CA HIS A 229 2.36 -1.31 -14.21
C HIS A 229 1.12 -1.16 -13.32
N TYR A 230 1.17 -1.67 -12.10
CA TYR A 230 0.08 -1.51 -11.15
C TYR A 230 -0.33 -0.05 -11.03
N VAL A 231 0.71 0.79 -10.96
CA VAL A 231 0.51 2.22 -10.86
C VAL A 231 -0.16 2.74 -12.12
N GLU A 232 0.34 2.30 -13.27
CA GLU A 232 -0.20 2.72 -14.57
C GLU A 232 -1.66 2.29 -14.74
N VAL A 233 -2.04 1.05 -14.38
CA VAL A 233 -3.46 0.77 -14.57
C VAL A 233 -4.29 1.42 -13.48
N ASN A 234 -3.71 1.80 -12.34
CA ASN A 234 -4.52 2.56 -11.38
C ASN A 234 -4.76 3.98 -11.91
N MET A 235 -3.87 4.50 -12.76
CA MET A 235 -4.02 5.81 -13.35
C MET A 235 -4.96 5.78 -14.55
N HIS A 236 -4.82 4.71 -15.32
CA HIS A 236 -5.53 4.48 -16.57
C HIS A 236 -6.20 3.10 -16.62
N PRO A 237 -7.32 2.94 -15.93
CA PRO A 237 -7.94 1.63 -15.80
C PRO A 237 -8.85 1.21 -16.96
N ALA A 238 -8.94 1.96 -18.04
CA ALA A 238 -9.89 1.75 -19.13
C ALA A 238 -9.73 0.46 -19.91
N LYS A 239 -8.63 -0.26 -19.77
CA LYS A 239 -8.43 -1.51 -20.48
C LYS A 239 -8.74 -2.67 -19.56
N LEU A 240 -8.87 -2.37 -18.28
CA LEU A 240 -9.19 -3.41 -17.30
C LEU A 240 -10.65 -3.81 -17.40
N GLU A 241 -10.98 -5.07 -17.14
CA GLU A 241 -12.39 -5.44 -17.07
C GLU A 241 -13.14 -4.52 -16.11
N LYS A 242 -14.43 -4.33 -16.34
CA LYS A 242 -15.27 -3.37 -15.63
C LYS A 242 -15.26 -3.50 -14.12
N PRO A 243 -15.39 -4.68 -13.52
CA PRO A 243 -15.32 -4.79 -12.06
C PRO A 243 -14.00 -4.28 -11.48
N LEU A 244 -12.90 -4.44 -12.19
CA LEU A 244 -11.63 -3.87 -11.73
C LEU A 244 -11.65 -2.35 -11.85
N GLN A 245 -12.27 -1.86 -12.92
CA GLN A 245 -12.40 -0.42 -13.12
C GLN A 245 -13.20 0.23 -11.99
N GLN A 246 -14.32 -0.41 -11.63
CA GLN A 246 -15.14 0.05 -10.54
C GLN A 246 -14.41 -0.05 -9.21
N ALA A 247 -13.66 -1.13 -9.05
CA ALA A 247 -12.85 -1.34 -7.85
C ALA A 247 -11.81 -0.26 -7.64
N ILE A 248 -11.20 0.21 -8.73
CA ILE A 248 -10.14 1.19 -8.65
C ILE A 248 -10.71 2.57 -8.40
N ALA A 249 -11.92 2.79 -8.88
CA ALA A 249 -12.64 4.02 -8.60
C ALA A 249 -12.97 4.11 -7.12
N ALA A 250 -13.25 2.94 -6.52
CA ALA A 250 -13.64 2.85 -5.13
C ALA A 250 -12.47 3.15 -4.21
N THR A 251 -11.27 2.71 -4.57
CA THR A 251 -10.10 2.92 -3.73
C THR A 251 -9.53 4.33 -3.79
N HIS A 252 -9.72 5.00 -4.93
CA HIS A 252 -9.30 6.39 -5.10
C HIS A 252 -10.42 7.37 -4.75
N THR A 253 -11.52 6.85 -4.23
CA THR A 253 -12.57 7.72 -3.70
C THR A 253 -12.09 8.30 -2.37
N GLY A 254 -12.35 9.58 -2.10
CA GLY A 254 -11.96 10.17 -0.83
C GLY A 254 -13.16 10.07 0.12
N TYR A 255 -12.94 9.46 1.28
CA TYR A 255 -14.00 9.27 2.28
C TYR A 255 -13.88 10.28 3.41
N TYR A 256 -12.69 10.81 3.67
CA TYR A 256 -12.55 11.81 4.73
C TYR A 256 -11.25 12.60 4.57
N THR A 257 -11.18 13.74 5.24
CA THR A 257 -9.93 14.49 5.32
C THR A 257 -9.28 14.38 6.70
N VAL A 258 -7.96 14.40 6.72
CA VAL A 258 -7.14 14.51 7.91
C VAL A 258 -5.87 15.31 7.59
N ASP A 259 -5.86 16.59 7.99
CA ASP A 259 -4.76 17.50 7.78
C ASP A 259 -4.32 17.61 6.32
N GLY A 260 -5.18 18.06 5.41
CA GLY A 260 -4.70 18.26 4.04
C GLY A 260 -4.56 16.98 3.26
N MET A 261 -4.65 15.84 3.93
CA MET A 261 -4.62 14.54 3.27
C MET A 261 -6.01 13.95 3.12
N THR A 262 -6.46 13.51 1.94
CA THR A 262 -7.79 12.88 1.93
C THR A 262 -7.69 11.37 1.70
N GLN A 263 -8.38 10.62 2.57
CA GLN A 263 -8.23 9.18 2.66
C GLN A 263 -9.12 8.39 1.70
N GLY A 264 -8.49 7.46 0.98
CA GLY A 264 -9.19 6.52 0.14
C GLY A 264 -9.14 5.11 0.71
N LEU A 265 -9.30 4.08 -0.13
CA LEU A 265 -9.16 2.72 0.37
C LEU A 265 -7.74 2.24 0.08
N GLY A 266 -6.90 2.20 1.11
CA GLY A 266 -5.50 1.89 0.97
C GLY A 266 -4.67 3.10 0.54
N TRP A 267 -5.11 3.83 -0.47
CA TRP A 267 -4.38 4.97 -1.02
C TRP A 267 -4.66 6.26 -0.26
N GLU A 268 -3.61 7.07 -0.11
CA GLU A 268 -3.80 8.39 0.48
C GLU A 268 -3.53 9.43 -0.59
N MET A 269 -4.28 10.53 -0.51
CA MET A 269 -4.35 11.50 -1.58
C MET A 269 -4.13 12.93 -1.10
N TYR A 270 -3.48 13.72 -1.93
CA TYR A 270 -3.18 15.12 -1.70
C TYR A 270 -3.34 15.95 -2.97
N PRO A 271 -3.52 17.24 -2.77
CA PRO A 271 -3.50 18.16 -3.92
C PRO A 271 -2.18 18.04 -4.66
N TYR A 272 -2.19 18.17 -5.97
CA TYR A 272 -0.93 18.27 -6.70
C TYR A 272 -0.94 19.52 -7.57
N PRO A 273 0.13 20.30 -7.52
CA PRO A 273 1.29 20.04 -6.67
C PRO A 273 1.10 20.41 -5.19
N ILE A 274 2.06 19.97 -4.41
CA ILE A 274 2.25 20.14 -2.99
C ILE A 274 3.72 20.40 -2.67
N LYS A 275 3.98 21.23 -1.68
CA LYS A 275 5.35 21.39 -1.19
C LYS A 275 5.87 20.02 -0.74
N VAL A 276 7.14 19.74 -0.98
CA VAL A 276 7.71 18.49 -0.47
C VAL A 276 7.55 18.46 1.05
N ASP A 277 7.63 19.64 1.66
CA ASP A 277 7.47 19.79 3.09
C ASP A 277 6.06 19.39 3.51
N ALA A 278 5.07 19.78 2.71
CA ALA A 278 3.71 19.38 3.03
C ALA A 278 3.54 17.87 2.81
N LEU A 279 4.24 17.33 1.82
CA LEU A 279 4.15 15.90 1.50
C LEU A 279 4.84 15.02 2.54
N VAL A 280 5.94 15.51 3.10
CA VAL A 280 6.72 14.75 4.07
C VAL A 280 6.01 14.65 5.42
N GLU A 281 5.44 15.78 5.83
CA GLU A 281 4.69 15.84 7.09
C GLU A 281 3.42 15.00 7.01
N GLY A 282 2.93 14.77 5.80
CA GLY A 282 1.75 13.95 5.57
C GLY A 282 2.04 12.46 5.66
N ASN A 283 3.30 12.11 5.46
CA ASN A 283 3.81 10.76 5.57
C ASN A 283 4.70 10.58 6.79
N SER A 284 4.50 11.37 7.84
CA SER A 284 5.46 11.38 8.93
C SER A 284 5.22 10.28 9.96
N THR A 285 6.13 10.21 10.93
CA THR A 285 6.04 9.20 11.98
C THR A 285 4.80 9.38 12.84
N GLN A 286 4.45 10.60 13.20
CA GLN A 286 3.31 10.79 14.11
C GLN A 286 1.99 10.78 13.38
N MET A 287 2.00 10.98 12.05
CA MET A 287 0.77 10.86 11.28
C MET A 287 0.40 9.38 11.10
N ALA A 288 1.27 8.51 11.56
CA ALA A 288 0.99 7.08 11.61
C ALA A 288 0.68 6.63 13.03
N MET A 289 1.43 7.15 14.00
CA MET A 289 1.32 6.66 15.37
C MET A 289 0.35 7.44 16.25
N GLU A 290 -0.06 8.64 15.87
CA GLU A 290 -0.97 9.43 16.68
C GLU A 290 -2.40 9.34 16.18
N PRO A 291 -3.40 9.37 17.04
CA PRO A 291 -4.80 9.33 16.58
C PRO A 291 -5.26 10.71 16.14
N HIS A 292 -6.05 10.75 15.07
CA HIS A 292 -6.51 11.99 14.46
C HIS A 292 -8.01 11.97 14.19
N LYS A 293 -8.72 13.00 14.65
CA LYS A 293 -10.16 13.06 14.39
C LYS A 293 -10.38 13.38 12.91
N VAL A 294 -11.51 12.94 12.38
CA VAL A 294 -11.70 12.89 10.94
C VAL A 294 -12.92 13.61 10.40
N ASN A 295 -12.70 14.48 9.42
CA ASN A 295 -13.81 15.17 8.75
C ASN A 295 -14.32 14.31 7.60
N TRP A 296 -15.33 13.50 7.89
CA TRP A 296 -15.90 12.67 6.83
C TRP A 296 -16.38 13.52 5.65
N LEU A 297 -16.40 12.89 4.48
CA LEU A 297 -17.00 13.51 3.29
C LEU A 297 -18.42 12.93 3.15
N THR A 298 -19.39 13.71 3.61
CA THR A 298 -20.79 13.30 3.73
C THR A 298 -21.22 12.63 2.43
N PRO A 299 -20.92 13.23 1.29
CA PRO A 299 -20.87 12.53 0.02
C PRO A 299 -19.41 12.25 -0.34
N PRO A 300 -18.94 11.03 -0.17
CA PRO A 300 -17.56 10.67 -0.58
C PRO A 300 -17.27 11.17 -1.99
N GLN A 301 -16.04 11.63 -2.19
CA GLN A 301 -15.67 12.31 -3.42
C GLN A 301 -14.94 11.45 -4.43
N ALA A 302 -15.55 11.32 -5.62
CA ALA A 302 -14.88 10.60 -6.70
C ALA A 302 -13.53 11.25 -7.01
N ALA A 303 -12.62 10.47 -7.57
CA ALA A 303 -11.32 11.03 -7.90
C ALA A 303 -11.41 12.21 -8.85
N PRO A 304 -10.89 13.37 -8.50
CA PRO A 304 -10.74 14.49 -9.43
C PRO A 304 -9.28 14.73 -9.83
N LEU A 305 -9.10 15.42 -10.96
CA LEU A 305 -7.82 15.77 -11.53
C LEU A 305 -6.97 16.57 -10.54
N ASP A 306 -5.71 16.79 -10.89
CA ASP A 306 -4.74 17.52 -10.07
C ASP A 306 -4.67 16.95 -8.66
N THR A 307 -4.56 15.63 -8.59
CA THR A 307 -4.45 14.94 -7.32
C THR A 307 -3.17 14.13 -7.28
N LEU A 308 -2.48 14.10 -6.13
CA LEU A 308 -1.35 13.18 -6.03
C LEU A 308 -1.77 11.93 -5.24
N VAL A 309 -1.45 10.76 -5.78
CA VAL A 309 -1.71 9.51 -5.07
C VAL A 309 -0.37 8.93 -4.61
N ASN A 310 -0.30 8.46 -3.37
CA ASN A 310 0.99 7.95 -2.92
C ASN A 310 0.81 6.84 -1.90
N LYS A 311 1.91 6.14 -1.59
CA LYS A 311 1.81 5.15 -0.54
C LYS A 311 3.22 4.80 -0.06
N THR A 312 3.38 4.71 1.26
CA THR A 312 4.67 4.26 1.81
C THR A 312 4.53 2.83 2.30
N GLY A 313 5.65 2.11 2.40
CA GLY A 313 5.53 0.77 2.97
C GLY A 313 6.89 0.29 3.41
N SER A 314 6.98 -0.29 4.60
CA SER A 314 8.27 -0.74 5.12
C SER A 314 8.16 -2.11 5.78
N THR A 315 9.26 -2.85 5.79
CA THR A 315 9.39 -4.08 6.54
C THR A 315 10.69 -3.96 7.35
N GLY A 316 11.13 -5.04 7.99
CA GLY A 316 12.39 -4.96 8.70
C GLY A 316 13.52 -4.49 7.79
N GLY A 317 13.66 -5.07 6.61
CA GLY A 317 14.76 -4.69 5.74
C GLY A 317 14.38 -4.04 4.43
N PHE A 318 13.17 -3.52 4.29
CA PHE A 318 12.76 -2.96 3.01
C PHE A 318 12.07 -1.62 3.21
N GLY A 319 12.20 -0.75 2.20
CA GLY A 319 11.62 0.57 2.15
C GLY A 319 10.99 0.83 0.79
N ALA A 320 9.66 0.80 0.69
CA ALA A 320 8.93 1.02 -0.54
C ALA A 320 8.22 2.36 -0.60
N TYR A 321 8.11 2.94 -1.79
CA TYR A 321 7.31 4.17 -1.89
C TYR A 321 6.73 4.30 -3.30
N VAL A 322 5.46 4.69 -3.33
CA VAL A 322 4.76 4.89 -4.60
C VAL A 322 4.11 6.26 -4.65
N ALA A 323 4.29 7.01 -5.73
CA ALA A 323 3.68 8.33 -5.89
C ALA A 323 3.31 8.65 -7.33
N TYR A 324 2.07 9.03 -7.61
CA TYR A 324 1.77 9.33 -9.01
C TYR A 324 0.63 10.33 -9.14
N VAL A 325 0.53 11.02 -10.29
CA VAL A 325 -0.61 11.96 -10.39
C VAL A 325 -1.39 11.64 -11.66
N PRO A 326 -2.50 10.92 -11.44
CA PRO A 326 -3.29 10.29 -12.50
C PRO A 326 -3.66 11.23 -13.63
N SER A 327 -4.03 12.47 -13.33
CA SER A 327 -4.42 13.44 -14.34
C SER A 327 -3.23 13.86 -15.20
N LYS A 328 -2.03 13.60 -14.70
CA LYS A 328 -0.83 13.90 -15.47
C LYS A 328 -0.28 12.64 -16.12
N GLY A 329 -0.74 11.47 -15.68
CA GLY A 329 -0.18 10.22 -16.19
C GLY A 329 1.26 10.04 -15.74
N LEU A 330 1.62 10.62 -14.60
CA LEU A 330 3.00 10.57 -14.11
C LEU A 330 3.15 9.67 -12.88
N GLY A 331 4.06 8.71 -12.94
CA GLY A 331 4.22 7.84 -11.79
C GLY A 331 5.66 7.52 -11.49
N VAL A 332 5.99 7.45 -10.22
CA VAL A 332 7.32 6.98 -9.81
C VAL A 332 7.13 5.83 -8.82
N VAL A 333 8.03 4.88 -8.88
CA VAL A 333 8.09 3.81 -7.90
C VAL A 333 9.53 3.67 -7.40
N ILE A 334 9.74 3.65 -6.09
CA ILE A 334 11.09 3.39 -5.62
C ILE A 334 11.06 2.27 -4.58
N LEU A 335 11.83 1.24 -4.88
CA LEU A 335 11.95 0.06 -4.05
C LEU A 335 13.40 -0.09 -3.57
N ALA A 336 13.58 -0.25 -2.26
CA ALA A 336 14.91 -0.38 -1.67
C ALA A 336 14.95 -1.56 -0.71
N ASN A 337 16.11 -2.21 -0.58
CA ASN A 337 16.24 -3.25 0.43
C ASN A 337 16.85 -2.64 1.70
N LYS A 338 16.26 -1.50 2.04
CA LYS A 338 16.54 -0.86 3.31
C LYS A 338 15.30 -0.10 3.77
N ASN A 339 15.02 -0.20 5.06
CA ASN A 339 13.95 0.63 5.60
C ASN A 339 14.51 2.00 5.91
N TYR A 340 14.68 2.86 4.91
CA TYR A 340 15.23 4.20 5.20
C TYR A 340 14.09 5.17 5.46
N PRO A 341 14.31 6.36 6.01
CA PRO A 341 13.22 7.26 6.40
C PRO A 341 12.28 7.70 5.28
N ASN A 342 11.00 7.80 5.63
CA ASN A 342 9.94 8.19 4.72
C ASN A 342 10.19 9.55 4.09
N ALA A 343 10.65 10.50 4.88
CA ALA A 343 10.95 11.83 4.37
C ALA A 343 11.86 11.77 3.16
N GLU A 344 12.88 10.90 3.24
CA GLU A 344 13.81 10.78 2.11
C GLU A 344 13.09 10.15 0.93
N ARG A 345 12.08 9.32 1.19
CA ARG A 345 11.44 8.65 0.05
C ARG A 345 10.63 9.66 -0.76
N VAL A 346 9.86 10.48 -0.03
CA VAL A 346 9.02 11.47 -0.70
C VAL A 346 9.88 12.55 -1.35
N LYS A 347 10.95 12.97 -0.68
CA LYS A 347 11.84 13.97 -1.27
C LYS A 347 12.30 13.51 -2.66
N ALA A 348 12.76 12.26 -2.71
CA ALA A 348 13.31 11.72 -3.95
C ALA A 348 12.24 11.52 -5.01
N ALA A 349 11.07 11.03 -4.58
CA ALA A 349 9.95 10.83 -5.48
C ALA A 349 9.49 12.18 -6.05
N HIS A 350 9.37 13.14 -5.14
CA HIS A 350 8.94 14.49 -5.48
C HIS A 350 9.83 15.14 -6.53
N ALA A 351 11.15 15.00 -6.36
CA ALA A 351 12.13 15.51 -7.29
C ALA A 351 11.97 14.92 -8.67
N ILE A 352 11.77 13.60 -8.67
CA ILE A 352 11.76 12.90 -9.97
C ILE A 352 10.47 13.28 -10.68
N LEU A 353 9.36 13.29 -9.94
CA LEU A 353 8.09 13.69 -10.53
C LEU A 353 8.15 15.10 -11.11
N SER A 354 8.73 16.03 -10.35
CA SER A 354 8.83 17.40 -10.87
C SER A 354 9.58 17.44 -12.20
N ALA A 355 10.72 16.77 -12.25
CA ALA A 355 11.58 16.78 -13.42
C ALA A 355 10.89 16.18 -14.64
N MET A 356 9.85 15.41 -14.43
CA MET A 356 9.05 14.74 -15.43
C MET A 356 7.84 15.57 -15.89
#